data_5NBV
#
_entry.id   5NBV
#
_cell.length_a   113.700
_cell.length_b   39.260
_cell.length_c   90.560
_cell.angle_alpha   90.00
_cell.angle_beta   104.08
_cell.angle_gamma   90.00
#
_symmetry.space_group_name_H-M   'C 1 2 1'
#
loop_
_entity.id
_entity.type
_entity.pdbx_description
1 polymer Alpha-1-antitrypsin
2 non-polymer GLYCEROL
3 water water
#
_entity_poly.entity_id   1
_entity_poly.type   'polypeptide(L)'
_entity_poly.pdbx_seq_one_letter_code
;GDHPTFNKITPNLAEFAFSLYRQLAHQSNSTNILFSPVSIAAAFAMLSLGAKGDTHDEILEGLNFNLTEIPEAQIHEGFQ
ELLRTLNQPDSQLQLTTGNGLFLSEGLKLVDKFLEDVKKLYHSEAFTVNFGDTEEAKKQINDYVEKGTQGKIVDLVKELD
RDTVFALVNYIFFKGKWERPFEVKDTEEEDFHVDQVTTVKVPMMKRLGMFNIQHSKKLSSWVLLMKYLGNATAIFFLPDE
GKLQHLENELTHDIITKFLENEDRRSASLHLPKLSITGTYDLKSVLGQLGITKVFSNGADLSGVTEEAPLKLSKAVHKAV
LTIDKKGTEAAGAMFLEAIPMSIPPEVKFNKPFVFLIIEQNTKAPLFMGRVVNPTQK
;
_entity_poly.pdbx_strand_id   A
#
loop_
_chem_comp.id
_chem_comp.type
_chem_comp.name
_chem_comp.formula
GOL non-polymer GLYCEROL 'C3 H8 O3'
#
# COMPACT_ATOMS: atom_id res chain seq x y z
N ASN A 7 -16.48 0.99 -5.23
CA ASN A 7 -16.27 -0.37 -5.80
C ASN A 7 -16.84 -1.44 -4.87
N LYS A 8 -17.35 -2.53 -5.47
CA LYS A 8 -17.98 -3.59 -4.71
C LYS A 8 -17.00 -4.27 -3.75
N ILE A 9 -15.73 -4.32 -4.12
CA ILE A 9 -14.75 -5.10 -3.37
C ILE A 9 -13.99 -4.27 -2.33
N THR A 10 -14.26 -2.97 -2.27
CA THR A 10 -13.50 -2.10 -1.39
C THR A 10 -13.64 -2.50 0.08
N PRO A 11 -14.86 -2.82 0.52
CA PRO A 11 -15.05 -3.31 1.88
C PRO A 11 -14.24 -4.57 2.17
N ASN A 12 -14.16 -5.47 1.19
CA ASN A 12 -13.37 -6.69 1.34
C ASN A 12 -11.88 -6.36 1.45
N LEU A 13 -11.41 -5.48 0.56
CA LEU A 13 -10.01 -5.08 0.58
C LEU A 13 -9.63 -4.41 1.90
N ALA A 14 -10.56 -3.66 2.49
CA ALA A 14 -10.31 -3.00 3.76
C ALA A 14 -10.12 -4.05 4.86
N GLU A 15 -11.00 -5.04 4.89
CA GLU A 15 -10.87 -6.13 5.85
C GLU A 15 -9.56 -6.90 5.63
N PHE A 16 -9.20 -7.13 4.38
CA PHE A 16 -7.92 -7.78 4.07
C PHE A 16 -6.74 -6.95 4.57
N ALA A 17 -6.77 -5.65 4.32
CA ALA A 17 -5.76 -4.75 4.85
C ALA A 17 -5.62 -4.91 6.36
N PHE A 18 -6.73 -4.84 7.09
CA PHE A 18 -6.68 -4.96 8.55
C PHE A 18 -6.15 -6.32 8.97
N SER A 19 -6.60 -7.38 8.31
CA SER A 19 -6.19 -8.73 8.67
C SER A 19 -4.68 -8.89 8.54
N LEU A 20 -4.14 -8.49 7.40
N LEU A 20 -4.14 -8.48 7.41
CA LEU A 20 -2.71 -8.64 7.15
CA LEU A 20 -2.72 -8.62 7.14
C LEU A 20 -1.92 -7.71 8.08
C LEU A 20 -1.94 -7.72 8.08
N TYR A 21 -2.35 -6.45 8.18
CA TYR A 21 -1.67 -5.50 9.05
C TYR A 21 -1.60 -6.01 10.48
N ARG A 22 -2.73 -6.50 10.99
CA ARG A 22 -2.81 -6.88 12.39
C ARG A 22 -2.00 -8.14 12.67
N GLN A 23 -1.83 -8.97 11.65
CA GLN A 23 -0.97 -10.14 11.77
C GLN A 23 0.47 -9.71 12.00
N LEU A 24 0.94 -8.77 11.18
CA LEU A 24 2.30 -8.28 11.29
C LEU A 24 2.49 -7.54 12.61
N ALA A 25 1.50 -6.75 12.99
CA ALA A 25 1.60 -5.92 14.19
C ALA A 25 1.60 -6.76 15.47
N HIS A 26 0.89 -7.90 15.43
CA HIS A 26 0.80 -8.77 16.60
C HIS A 26 2.17 -9.36 16.93
N GLN A 27 2.96 -9.63 15.90
CA GLN A 27 4.29 -10.20 16.07
C GLN A 27 5.22 -9.19 16.77
N SER A 28 5.19 -7.95 16.29
CA SER A 28 6.21 -6.98 16.68
C SER A 28 5.60 -5.58 16.78
N ASN A 29 5.98 -4.85 17.83
CA ASN A 29 5.58 -3.46 17.98
C ASN A 29 6.72 -2.50 17.66
N SER A 30 7.83 -3.03 17.17
CA SER A 30 9.03 -2.22 16.92
C SER A 30 9.37 -2.16 15.44
N THR A 31 8.56 -2.81 14.61
CA THR A 31 8.85 -2.91 13.18
C THR A 31 8.01 -1.91 12.39
N ASN A 32 8.63 -1.27 11.41
CA ASN A 32 7.90 -0.61 10.33
C ASN A 32 7.03 -1.62 9.58
N ILE A 33 5.89 -1.15 9.08
CA ILE A 33 5.04 -1.96 8.23
C ILE A 33 4.68 -1.15 6.99
N LEU A 34 4.78 -1.78 5.82
CA LEU A 34 4.28 -1.19 4.59
C LEU A 34 3.97 -2.23 3.54
N PHE A 35 2.71 -2.27 3.12
CA PHE A 35 2.29 -3.18 2.07
C PHE A 35 1.09 -2.61 1.33
N SER A 36 0.80 -3.18 0.16
CA SER A 36 -0.38 -2.78 -0.60
C SER A 36 -1.43 -3.87 -0.56
N PRO A 37 -2.53 -3.63 0.17
CA PRO A 37 -3.68 -4.54 0.11
C PRO A 37 -4.14 -4.77 -1.32
N VAL A 38 -4.20 -3.71 -2.12
CA VAL A 38 -4.73 -3.80 -3.47
C VAL A 38 -3.85 -4.67 -4.36
N SER A 39 -2.54 -4.46 -4.32
CA SER A 39 -1.64 -5.13 -5.25
C SER A 39 -1.49 -6.61 -4.89
N ILE A 40 -1.39 -6.91 -3.60
CA ILE A 40 -1.33 -8.29 -3.14
C ILE A 40 -2.62 -9.02 -3.48
N ALA A 41 -3.75 -8.42 -3.15
CA ALA A 41 -5.04 -9.07 -3.34
C ALA A 41 -5.31 -9.26 -4.84
N ALA A 42 -4.93 -8.27 -5.63
CA ALA A 42 -5.12 -8.34 -7.07
C ALA A 42 -4.32 -9.50 -7.67
N ALA A 43 -3.11 -9.69 -7.16
CA ALA A 43 -2.22 -10.73 -7.68
C ALA A 43 -2.79 -12.11 -7.43
N PHE A 44 -3.37 -12.31 -6.24
CA PHE A 44 -3.82 -13.64 -5.86
C PHE A 44 -5.23 -13.93 -6.36
N ALA A 45 -6.03 -12.89 -6.54
CA ALA A 45 -7.28 -13.01 -7.26
C ALA A 45 -7.03 -13.42 -8.71
N MET A 46 -6.00 -12.82 -9.30
CA MET A 46 -5.57 -13.17 -10.65
C MET A 46 -5.12 -14.63 -10.67
N LEU A 47 -4.28 -15.01 -9.73
CA LEU A 47 -3.79 -16.38 -9.61
C LEU A 47 -4.94 -17.37 -9.48
N SER A 48 -6.01 -16.95 -8.82
CA SER A 48 -7.15 -17.81 -8.58
C SER A 48 -7.83 -18.21 -9.88
N LEU A 49 -7.62 -17.42 -10.93
CA LEU A 49 -8.17 -17.74 -12.25
C LEU A 49 -7.69 -19.09 -12.76
N GLY A 50 -6.53 -19.52 -12.27
CA GLY A 50 -5.93 -20.77 -12.71
C GLY A 50 -6.09 -21.89 -11.69
N ALA A 51 -6.80 -21.60 -10.61
CA ALA A 51 -6.96 -22.57 -9.52
C ALA A 51 -8.37 -23.13 -9.54
N LYS A 52 -8.57 -24.27 -8.88
CA LYS A 52 -9.88 -24.89 -8.80
C LYS A 52 -10.08 -25.52 -7.44
N GLY A 53 -11.34 -25.78 -7.08
CA GLY A 53 -11.68 -26.49 -5.86
C GLY A 53 -11.23 -25.76 -4.60
N ASP A 54 -10.80 -26.52 -3.61
CA ASP A 54 -10.41 -25.94 -2.32
C ASP A 54 -9.27 -24.93 -2.52
N THR A 55 -8.34 -25.28 -3.40
CA THR A 55 -7.19 -24.40 -3.68
C THR A 55 -7.68 -23.01 -4.06
N HIS A 56 -8.65 -22.97 -4.95
CA HIS A 56 -9.22 -21.72 -5.42
C HIS A 56 -9.95 -21.00 -4.28
N ASP A 57 -10.77 -21.76 -3.55
CA ASP A 57 -11.62 -21.19 -2.52
C ASP A 57 -10.80 -20.57 -1.39
N GLU A 58 -9.75 -21.27 -0.98
CA GLU A 58 -8.86 -20.78 0.08
C GLU A 58 -8.31 -19.40 -0.24
N ILE A 59 -7.90 -19.20 -1.50
CA ILE A 59 -7.28 -17.94 -1.90
C ILE A 59 -8.25 -16.78 -1.72
N LEU A 60 -9.42 -16.87 -2.33
CA LEU A 60 -10.37 -15.76 -2.30
C LEU A 60 -10.91 -15.54 -0.88
N GLU A 61 -11.13 -16.62 -0.14
CA GLU A 61 -11.55 -16.51 1.25
C GLU A 61 -10.45 -15.88 2.09
N GLY A 62 -9.20 -16.18 1.75
CA GLY A 62 -8.06 -15.61 2.45
C GLY A 62 -7.89 -14.13 2.18
N LEU A 63 -8.51 -13.65 1.11
CA LEU A 63 -8.51 -12.22 0.80
C LEU A 63 -9.79 -11.55 1.34
N ASN A 64 -10.49 -12.26 2.21
CA ASN A 64 -11.66 -11.72 2.89
C ASN A 64 -12.85 -11.58 1.93
N PHE A 65 -12.94 -12.50 0.98
CA PHE A 65 -14.17 -12.67 0.23
C PHE A 65 -14.94 -13.89 0.76
N ASN A 66 -16.18 -13.65 1.17
CA ASN A 66 -17.09 -14.73 1.56
C ASN A 66 -17.84 -15.24 0.34
N LEU A 67 -17.45 -16.42 -0.14
CA LEU A 67 -17.89 -16.88 -1.46
C LEU A 67 -19.33 -17.35 -1.43
N THR A 68 -19.90 -17.50 -0.24
CA THR A 68 -21.32 -17.78 -0.12
C THR A 68 -22.15 -16.52 -0.35
N GLU A 69 -21.48 -15.36 -0.36
CA GLU A 69 -22.18 -14.08 -0.42
C GLU A 69 -21.87 -13.30 -1.70
N ILE A 70 -20.62 -13.35 -2.15
CA ILE A 70 -20.22 -12.55 -3.30
C ILE A 70 -19.80 -13.41 -4.47
N PRO A 71 -20.50 -13.27 -5.61
CA PRO A 71 -20.20 -14.01 -6.84
C PRO A 71 -18.79 -13.74 -7.35
N GLU A 72 -18.13 -14.79 -7.83
CA GLU A 72 -16.74 -14.66 -8.28
C GLU A 72 -16.59 -13.60 -9.35
N ALA A 73 -17.62 -13.43 -10.17
CA ALA A 73 -17.55 -12.50 -11.30
C ALA A 73 -17.47 -11.05 -10.82
N GLN A 74 -18.19 -10.74 -9.74
CA GLN A 74 -18.12 -9.41 -9.15
C GLN A 74 -16.70 -9.11 -8.68
N ILE A 75 -16.04 -10.13 -8.14
CA ILE A 75 -14.67 -9.97 -7.63
C ILE A 75 -13.72 -9.54 -8.74
N HIS A 76 -13.74 -10.26 -9.86
CA HIS A 76 -12.78 -10.01 -10.93
C HIS A 76 -13.11 -8.72 -11.66
N GLU A 77 -14.39 -8.45 -11.84
CA GLU A 77 -14.83 -7.16 -12.36
C GLU A 77 -14.32 -6.04 -11.47
N GLY A 78 -14.40 -6.24 -10.16
CA GLY A 78 -13.93 -5.26 -9.19
C GLY A 78 -12.46 -4.93 -9.37
N PHE A 79 -11.63 -5.97 -9.48
CA PHE A 79 -10.19 -5.77 -9.60
C PHE A 79 -9.83 -5.18 -10.96
N GLN A 80 -10.53 -5.62 -11.99
CA GLN A 80 -10.24 -5.14 -13.34
C GLN A 80 -10.45 -3.63 -13.43
N GLU A 81 -11.52 -3.14 -12.82
CA GLU A 81 -11.82 -1.72 -12.84
C GLU A 81 -10.80 -0.96 -11.99
N LEU A 82 -10.53 -1.46 -10.80
CA LEU A 82 -9.55 -0.87 -9.91
C LEU A 82 -8.21 -0.72 -10.61
N LEU A 83 -7.77 -1.79 -11.25
CA LEU A 83 -6.45 -1.82 -11.89
C LEU A 83 -6.38 -0.86 -13.08
N ARG A 84 -7.48 -0.78 -13.83
CA ARG A 84 -7.58 0.17 -14.93
C ARG A 84 -7.44 1.59 -14.43
N THR A 85 -7.94 1.84 -13.22
CA THR A 85 -7.91 3.17 -12.64
C THR A 85 -6.48 3.56 -12.23
N LEU A 86 -5.69 2.57 -11.83
CA LEU A 86 -4.31 2.81 -11.42
C LEU A 86 -3.39 2.95 -12.65
N ASN A 87 -3.80 2.36 -13.76
CA ASN A 87 -2.90 2.15 -14.89
C ASN A 87 -3.18 3.14 -16.01
N GLN A 88 -4.14 4.03 -15.78
CA GLN A 88 -4.56 4.99 -16.81
C GLN A 88 -3.39 5.88 -17.24
N SER A 91 -2.12 9.62 -15.86
CA SER A 91 -2.24 9.62 -14.40
C SER A 91 -1.15 10.48 -13.77
N GLN A 92 -1.55 11.35 -12.85
CA GLN A 92 -0.62 12.26 -12.18
C GLN A 92 -0.03 11.61 -10.94
N LEU A 93 -0.39 10.35 -10.69
CA LEU A 93 -0.21 9.74 -9.38
C LEU A 93 1.25 9.33 -9.15
N GLN A 94 1.96 9.03 -10.22
CA GLN A 94 3.33 8.56 -10.11
C GLN A 94 3.36 7.29 -9.25
N LEU A 95 2.39 6.41 -9.48
CA LEU A 95 2.39 5.10 -8.86
C LEU A 95 2.71 4.04 -9.90
N THR A 96 3.62 3.13 -9.53
CA THR A 96 3.94 2.00 -10.39
C THR A 96 3.71 0.71 -9.63
N THR A 97 2.94 -0.19 -10.22
CA THR A 97 2.70 -1.50 -9.62
C THR A 97 2.62 -2.56 -10.70
N GLY A 98 3.04 -3.77 -10.35
CA GLY A 98 3.10 -4.84 -11.32
C GLY A 98 3.08 -6.19 -10.63
N ASN A 99 2.66 -7.21 -11.37
CA ASN A 99 2.75 -8.57 -10.90
C ASN A 99 3.41 -9.42 -11.99
N GLY A 100 4.48 -10.12 -11.63
CA GLY A 100 5.15 -11.03 -12.55
C GLY A 100 4.90 -12.47 -12.17
N LEU A 101 4.33 -13.23 -13.11
CA LEU A 101 4.28 -14.68 -12.98
C LEU A 101 5.39 -15.31 -13.80
N PHE A 102 6.21 -16.14 -13.15
CA PHE A 102 7.30 -16.82 -13.82
C PHE A 102 7.08 -18.33 -13.74
N LEU A 103 6.87 -18.93 -14.91
CA LEU A 103 6.52 -20.33 -15.00
C LEU A 103 7.60 -21.06 -15.78
N SER A 104 8.00 -22.22 -15.29
N SER A 104 8.05 -22.20 -15.29
CA SER A 104 8.96 -23.08 -15.98
CA SER A 104 9.17 -22.89 -15.91
C SER A 104 8.58 -23.25 -17.44
C SER A 104 8.83 -23.24 -17.35
N GLU A 105 9.57 -23.20 -18.33
N GLU A 105 9.74 -22.92 -18.27
CA GLU A 105 9.33 -23.22 -19.76
CA GLU A 105 9.65 -23.41 -19.63
C GLU A 105 8.94 -24.62 -20.25
C GLU A 105 9.61 -24.93 -19.64
N GLY A 106 9.22 -25.64 -19.42
N GLY A 106 8.73 -25.48 -20.47
CA GLY A 106 8.92 -27.01 -19.78
CA GLY A 106 8.53 -26.92 -20.50
C GLY A 106 7.44 -27.34 -19.60
C GLY A 106 7.41 -27.39 -19.59
N LEU A 107 6.72 -26.44 -18.94
CA LEU A 107 5.31 -26.62 -18.64
C LEU A 107 4.46 -26.26 -19.83
N LYS A 108 3.42 -27.04 -20.09
CA LYS A 108 2.43 -26.70 -21.10
C LYS A 108 1.30 -25.86 -20.49
N LEU A 109 1.23 -24.60 -20.88
CA LEU A 109 0.33 -23.63 -20.26
C LEU A 109 -1.01 -23.58 -20.96
N VAL A 110 -2.08 -23.43 -20.18
CA VAL A 110 -3.41 -23.23 -20.72
C VAL A 110 -3.60 -21.80 -21.22
N ASP A 111 -4.00 -21.66 -22.48
CA ASP A 111 -4.06 -20.35 -23.13
C ASP A 111 -5.05 -19.43 -22.44
N LYS A 112 -6.18 -20.00 -22.00
CA LYS A 112 -7.22 -19.22 -21.35
C LYS A 112 -6.67 -18.44 -20.17
N PHE A 113 -5.82 -19.11 -19.38
CA PHE A 113 -5.21 -18.48 -18.22
C PHE A 113 -4.33 -17.31 -18.63
N LEU A 114 -3.49 -17.53 -19.62
CA LEU A 114 -2.62 -16.48 -20.14
C LEU A 114 -3.44 -15.31 -20.66
N GLU A 115 -4.55 -15.61 -21.32
CA GLU A 115 -5.44 -14.57 -21.85
C GLU A 115 -6.13 -13.82 -20.71
N ASP A 116 -6.61 -14.58 -19.72
CA ASP A 116 -7.26 -14.00 -18.56
C ASP A 116 -6.32 -13.06 -17.81
N VAL A 117 -5.08 -13.50 -17.61
CA VAL A 117 -4.08 -12.72 -16.89
C VAL A 117 -3.84 -11.36 -17.56
N LYS A 118 -3.83 -11.36 -18.89
CA LYS A 118 -3.64 -10.12 -19.65
C LYS A 118 -4.89 -9.24 -19.57
N LYS A 119 -6.02 -9.78 -20.01
CA LYS A 119 -7.23 -8.98 -20.20
C LYS A 119 -7.77 -8.46 -18.88
N LEU A 120 -7.93 -9.35 -17.91
CA LEU A 120 -8.58 -8.98 -16.65
C LEU A 120 -7.62 -8.21 -15.74
N TYR A 121 -6.34 -8.58 -15.77
CA TYR A 121 -5.41 -8.09 -14.76
C TYR A 121 -4.22 -7.35 -15.36
N HIS A 122 -4.26 -7.14 -16.67
CA HIS A 122 -3.24 -6.33 -17.35
C HIS A 122 -1.87 -6.74 -16.87
N SER A 123 -1.69 -8.04 -16.66
CA SER A 123 -0.49 -8.55 -16.03
C SER A 123 0.34 -9.31 -17.05
N GLU A 124 1.51 -9.77 -16.61
CA GLU A 124 2.47 -10.40 -17.50
C GLU A 124 2.84 -11.77 -16.98
N ALA A 125 2.78 -12.77 -17.85
CA ALA A 125 3.27 -14.10 -17.53
C ALA A 125 4.49 -14.43 -18.37
N PHE A 126 5.54 -14.91 -17.70
CA PHE A 126 6.77 -15.25 -18.40
C PHE A 126 7.12 -16.71 -18.19
N THR A 127 7.83 -17.28 -19.16
CA THR A 127 8.46 -18.58 -18.99
C THR A 127 9.94 -18.39 -18.67
N VAL A 128 10.45 -19.21 -17.76
N VAL A 128 10.46 -19.26 -17.82
CA VAL A 128 11.87 -19.18 -17.44
CA VAL A 128 11.87 -19.18 -17.42
C VAL A 128 12.42 -20.59 -17.27
C VAL A 128 12.43 -20.58 -17.19
N ASN A 129 13.73 -20.72 -17.38
CA ASN A 129 14.41 -21.98 -17.05
C ASN A 129 14.84 -22.00 -15.58
N PHE A 130 14.04 -22.65 -14.76
CA PHE A 130 14.35 -22.76 -13.33
C PHE A 130 15.46 -23.79 -13.09
N GLY A 131 15.85 -24.50 -14.15
CA GLY A 131 17.02 -25.36 -14.08
C GLY A 131 18.29 -24.60 -13.76
N ASP A 132 18.35 -23.35 -14.24
CA ASP A 132 19.43 -22.44 -13.88
C ASP A 132 18.99 -21.45 -12.81
N THR A 133 19.19 -21.82 -11.55
CA THR A 133 18.54 -21.12 -10.43
C THR A 133 18.97 -19.66 -10.38
N GLU A 134 20.27 -19.41 -10.56
CA GLU A 134 20.82 -18.06 -10.44
C GLU A 134 20.32 -17.15 -11.57
N GLU A 135 20.25 -17.70 -12.78
CA GLU A 135 19.81 -16.91 -13.92
C GLU A 135 18.31 -16.64 -13.88
N ALA A 136 17.55 -17.61 -13.39
CA ALA A 136 16.11 -17.44 -13.21
C ALA A 136 15.85 -16.33 -12.19
N LYS A 137 16.65 -16.33 -11.14
CA LYS A 137 16.57 -15.32 -10.09
C LYS A 137 16.92 -13.95 -10.65
N LYS A 138 17.94 -13.91 -11.52
CA LYS A 138 18.34 -12.67 -12.16
C LYS A 138 17.27 -12.13 -13.11
N GLN A 139 16.63 -13.04 -13.83
CA GLN A 139 15.62 -12.63 -14.80
C GLN A 139 14.38 -12.10 -14.09
N ILE A 140 14.06 -12.68 -12.95
CA ILE A 140 12.96 -12.21 -12.12
C ILE A 140 13.28 -10.83 -11.54
N ASN A 141 14.49 -10.66 -11.03
CA ASN A 141 14.89 -9.41 -10.40
C ASN A 141 15.05 -8.28 -11.41
N ASP A 142 15.43 -8.63 -12.64
CA ASP A 142 15.59 -7.64 -13.70
C ASP A 142 14.23 -7.09 -14.17
N TYR A 143 13.22 -7.96 -14.20
CA TYR A 143 11.86 -7.53 -14.49
C TYR A 143 11.37 -6.51 -13.47
N VAL A 144 11.60 -6.81 -12.20
CA VAL A 144 11.17 -5.93 -11.12
C VAL A 144 11.94 -4.62 -11.15
N GLU A 145 13.24 -4.70 -11.42
CA GLU A 145 14.09 -3.51 -11.48
C GLU A 145 13.65 -2.61 -12.63
N LYS A 146 13.40 -3.21 -13.79
CA LYS A 146 12.96 -2.46 -14.96
C LYS A 146 11.59 -1.82 -14.71
N GLY A 147 10.71 -2.55 -14.05
CA GLY A 147 9.35 -2.10 -13.83
C GLY A 147 9.27 -0.92 -12.88
N THR A 148 10.26 -0.81 -12.01
CA THR A 148 10.29 0.26 -11.02
C THR A 148 11.35 1.29 -11.40
N GLN A 149 11.66 1.36 -12.68
CA GLN A 149 12.69 2.26 -13.20
C GLN A 149 13.87 2.33 -12.23
N GLY A 150 14.26 1.19 -11.68
CA GLY A 150 15.52 1.08 -10.96
C GLY A 150 15.36 1.10 -9.45
N LYS A 151 14.14 1.33 -8.98
CA LYS A 151 13.91 1.58 -7.57
C LYS A 151 14.11 0.31 -6.73
N ILE A 152 13.63 -0.82 -7.24
CA ILE A 152 13.74 -2.09 -6.51
C ILE A 152 14.76 -3.02 -7.15
N VAL A 153 15.70 -3.49 -6.34
CA VAL A 153 16.86 -4.23 -6.82
C VAL A 153 17.06 -5.50 -6.01
N ASP A 154 17.37 -6.59 -6.69
CA ASP A 154 17.69 -7.86 -6.03
C ASP A 154 16.58 -8.30 -5.07
N LEU A 155 15.34 -8.23 -5.54
CA LEU A 155 14.18 -8.54 -4.69
C LEU A 155 14.26 -9.96 -4.15
N VAL A 156 14.38 -10.94 -5.04
CA VAL A 156 14.46 -12.34 -4.65
C VAL A 156 15.92 -12.75 -4.40
N LYS A 157 16.18 -13.30 -3.21
CA LYS A 157 17.54 -13.73 -2.85
C LYS A 157 17.72 -15.23 -3.01
N GLU A 158 16.62 -15.97 -2.96
CA GLU A 158 16.69 -17.43 -2.87
C GLU A 158 15.50 -18.09 -3.58
N LEU A 159 15.75 -19.21 -4.23
CA LEU A 159 14.68 -20.05 -4.75
C LEU A 159 14.80 -21.47 -4.23
N ASP A 160 13.68 -22.07 -3.86
CA ASP A 160 13.63 -23.49 -3.55
C ASP A 160 14.08 -24.30 -4.76
N ARG A 161 14.78 -25.40 -4.51
CA ARG A 161 15.47 -26.13 -5.56
C ARG A 161 14.47 -26.65 -6.59
N ASP A 162 13.26 -26.92 -6.15
CA ASP A 162 12.25 -27.55 -7.00
C ASP A 162 11.28 -26.49 -7.57
N THR A 163 11.69 -25.23 -7.53
CA THR A 163 10.82 -24.14 -7.96
C THR A 163 10.44 -24.29 -9.43
N VAL A 164 9.15 -24.27 -9.72
CA VAL A 164 8.67 -24.23 -11.10
C VAL A 164 7.71 -23.08 -11.37
N PHE A 165 7.37 -22.34 -10.32
CA PHE A 165 6.36 -21.29 -10.42
C PHE A 165 6.64 -20.25 -9.35
N ALA A 166 6.88 -19.01 -9.77
CA ALA A 166 7.20 -17.93 -8.86
C ALA A 166 6.35 -16.70 -9.17
N LEU A 167 5.98 -15.97 -8.12
CA LEU A 167 5.15 -14.79 -8.26
C LEU A 167 5.86 -13.62 -7.59
N VAL A 168 6.03 -12.53 -8.31
CA VAL A 168 6.54 -11.31 -7.69
C VAL A 168 5.57 -10.16 -7.87
N ASN A 169 5.42 -9.37 -6.81
CA ASN A 169 4.43 -8.32 -6.77
C ASN A 169 5.05 -7.09 -6.15
N TYR A 170 4.96 -5.97 -6.84
CA TYR A 170 5.62 -4.76 -6.38
C TYR A 170 4.72 -3.55 -6.55
N ILE A 171 4.95 -2.55 -5.72
CA ILE A 171 4.33 -1.26 -5.88
C ILE A 171 5.29 -0.17 -5.42
N PHE A 172 5.40 0.88 -6.21
CA PHE A 172 6.21 2.03 -5.84
C PHE A 172 5.39 3.30 -6.01
N PHE A 173 5.37 4.14 -4.98
CA PHE A 173 4.57 5.35 -4.99
C PHE A 173 5.38 6.53 -4.48
N LYS A 174 5.48 7.56 -5.31
CA LYS A 174 6.06 8.83 -4.88
C LYS A 174 5.21 9.98 -5.36
N GLY A 175 4.01 10.09 -4.81
CA GLY A 175 3.05 11.10 -5.26
C GLY A 175 3.41 12.47 -4.75
N LYS A 176 3.05 13.50 -5.51
CA LYS A 176 3.08 14.86 -5.01
C LYS A 176 1.74 15.23 -4.39
N TRP A 177 1.78 16.04 -3.34
CA TRP A 177 0.58 16.59 -2.73
C TRP A 177 -0.11 17.52 -3.72
N GLU A 178 -1.44 17.61 -3.61
CA GLU A 178 -2.20 18.56 -4.42
C GLU A 178 -1.80 20.00 -4.09
N ARG A 179 -1.59 20.26 -2.80
CA ARG A 179 -1.07 21.54 -2.35
C ARG A 179 0.32 21.37 -1.74
N PRO A 180 1.31 22.06 -2.30
CA PRO A 180 2.69 21.98 -1.80
C PRO A 180 2.71 21.95 -0.28
N PHE A 181 3.51 21.05 0.29
CA PHE A 181 3.66 20.99 1.74
C PHE A 181 4.74 21.97 2.21
N GLU A 182 5.84 22.02 1.49
CA GLU A 182 7.00 22.81 1.92
C GLU A 182 7.84 23.19 0.70
N VAL A 183 8.21 24.47 0.63
CA VAL A 183 9.05 24.96 -0.45
C VAL A 183 10.47 25.20 0.06
N LYS A 184 10.59 25.46 1.35
CA LYS A 184 11.88 25.75 1.96
C LYS A 184 12.67 24.47 2.22
N ASP A 185 13.89 24.62 2.70
CA ASP A 185 14.72 23.48 3.06
C ASP A 185 14.22 22.83 4.34
N THR A 186 13.98 21.53 4.29
CA THR A 186 13.47 20.78 5.43
C THR A 186 14.54 20.68 6.53
N GLU A 187 14.11 20.82 7.78
CA GLU A 187 15.04 20.79 8.91
C GLU A 187 14.90 19.48 9.70
N GLU A 188 15.95 19.11 10.40
CA GLU A 188 15.99 17.84 11.13
C GLU A 188 15.50 18.03 12.57
N GLU A 189 14.71 17.06 13.05
CA GLU A 189 14.13 17.15 14.39
C GLU A 189 14.08 15.79 15.09
N ASP A 190 13.64 15.79 16.34
CA ASP A 190 13.60 14.58 17.14
C ASP A 190 12.42 13.70 16.74
N PHE A 191 12.67 12.41 16.59
CA PHE A 191 11.61 11.42 16.41
C PHE A 191 11.70 10.37 17.52
N HIS A 192 10.67 10.30 18.36
CA HIS A 192 10.70 9.46 19.55
C HIS A 192 10.40 8.00 19.18
N VAL A 193 11.41 7.16 19.30
CA VAL A 193 11.24 5.73 19.09
C VAL A 193 10.72 5.03 20.34
N ASP A 194 10.93 5.64 21.51
CA ASP A 194 10.15 5.31 22.70
C ASP A 194 9.96 6.53 23.61
N GLN A 195 9.51 6.29 24.84
CA GLN A 195 9.04 7.35 25.72
C GLN A 195 10.20 8.07 26.41
N VAL A 196 11.41 7.50 26.28
CA VAL A 196 12.60 8.11 26.86
C VAL A 196 13.74 8.24 25.85
N THR A 197 13.48 7.84 24.61
CA THR A 197 14.52 7.81 23.58
C THR A 197 14.06 8.57 22.33
N THR A 198 14.99 9.29 21.69
CA THR A 198 14.67 10.01 20.46
C THR A 198 15.77 9.88 19.39
N VAL A 199 15.42 10.28 18.17
CA VAL A 199 16.32 10.17 17.01
C VAL A 199 15.95 11.24 15.98
N LYS A 200 16.95 11.72 15.26
CA LYS A 200 16.76 12.89 14.38
C LYS A 200 16.29 12.48 12.99
N VAL A 201 15.34 13.25 12.44
CA VAL A 201 14.82 13.00 11.10
C VAL A 201 14.49 14.34 10.43
N PRO A 202 14.57 14.38 9.09
CA PRO A 202 14.04 15.55 8.39
C PRO A 202 12.55 15.73 8.62
N MET A 203 12.17 16.89 9.15
CA MET A 203 10.80 17.16 9.58
C MET A 203 10.24 18.33 8.78
N MET A 204 9.33 18.05 7.86
CA MET A 204 8.63 19.09 7.13
C MET A 204 7.65 19.81 8.05
N LYS A 205 7.49 21.11 7.85
CA LYS A 205 6.64 21.92 8.73
C LYS A 205 5.77 22.87 7.92
N ARG A 206 4.51 22.97 8.31
CA ARG A 206 3.60 23.92 7.67
C ARG A 206 2.52 24.39 8.63
N LEU A 207 2.27 25.69 8.62
CA LEU A 207 1.07 26.24 9.23
C LEU A 207 0.02 26.53 8.16
N GLY A 208 -1.17 25.97 8.33
CA GLY A 208 -2.15 25.98 7.25
C GLY A 208 -3.51 25.49 7.70
N MET A 209 -4.42 25.36 6.73
CA MET A 209 -5.75 24.85 7.00
C MET A 209 -5.80 23.38 6.59
N PHE A 210 -5.89 22.50 7.59
CA PHE A 210 -5.76 21.07 7.34
C PHE A 210 -7.08 20.37 7.65
N ASN A 211 -7.41 19.38 6.84
CA ASN A 211 -8.35 18.36 7.27
C ASN A 211 -7.74 17.51 8.38
N ILE A 212 -7.90 17.99 9.61
CA ILE A 212 -7.29 17.35 10.77
C ILE A 212 -8.25 17.42 11.96
N GLN A 213 -8.26 16.37 12.77
CA GLN A 213 -9.16 16.29 13.91
C GLN A 213 -8.62 15.31 14.94
N HIS A 214 -9.06 15.46 16.17
CA HIS A 214 -8.83 14.42 17.18
C HIS A 214 -10.03 13.51 17.36
N SER A 215 -9.77 12.21 17.43
CA SER A 215 -10.82 11.20 17.59
C SER A 215 -10.69 10.54 18.95
N LYS A 216 -11.71 10.68 19.78
CA LYS A 216 -11.70 10.04 21.09
C LYS A 216 -11.85 8.52 20.96
N LYS A 217 -12.59 8.09 19.95
CA LYS A 217 -12.75 6.66 19.67
C LYS A 217 -11.40 5.98 19.42
N LEU A 218 -10.55 6.62 18.61
CA LEU A 218 -9.27 6.04 18.23
C LEU A 218 -8.15 6.52 19.15
N SER A 219 -8.46 7.43 20.06
CA SER A 219 -7.45 8.06 20.90
C SER A 219 -6.29 8.58 20.06
N SER A 220 -6.59 9.25 18.95
CA SER A 220 -5.58 9.65 17.99
C SER A 220 -5.97 10.94 17.27
N TRP A 221 -4.97 11.73 16.91
CA TRP A 221 -5.11 12.70 15.82
C TRP A 221 -5.24 12.03 14.47
N VAL A 222 -6.10 12.59 13.62
CA VAL A 222 -6.36 12.03 12.30
C VAL A 222 -6.23 13.11 11.23
N LEU A 223 -5.30 12.90 10.30
CA LEU A 223 -4.97 13.91 9.31
C LEU A 223 -5.16 13.34 7.91
N LEU A 224 -5.96 14.03 7.10
CA LEU A 224 -6.16 13.65 5.70
C LEU A 224 -5.50 14.66 4.78
N MET A 225 -4.70 14.14 3.84
CA MET A 225 -4.06 15.00 2.84
C MET A 225 -4.21 14.43 1.44
N LYS A 226 -4.69 15.25 0.52
CA LYS A 226 -4.93 14.82 -0.85
C LYS A 226 -3.65 14.88 -1.67
N TYR A 227 -3.41 13.85 -2.47
N TYR A 227 -3.41 13.85 -2.48
CA TYR A 227 -2.35 13.90 -3.48
CA TYR A 227 -2.36 13.90 -3.49
C TYR A 227 -2.86 14.58 -4.74
C TYR A 227 -2.86 14.62 -4.74
N LEU A 228 -1.95 15.17 -5.49
N LEU A 228 -1.94 15.02 -5.60
CA LEU A 228 -2.13 15.35 -6.92
CA LEU A 228 -2.28 15.61 -6.88
C LEU A 228 -2.35 13.99 -7.59
C LEU A 228 -3.23 14.68 -7.64
N GLY A 229 -3.44 13.88 -8.34
N GLY A 229 -2.88 13.40 -7.69
CA GLY A 229 -3.91 12.57 -8.80
CA GLY A 229 -3.61 12.44 -8.50
C GLY A 229 -4.89 11.96 -7.83
C GLY A 229 -4.87 11.95 -7.80
N ASN A 230 -5.27 10.71 -8.09
CA ASN A 230 -6.49 10.15 -7.53
C ASN A 230 -6.20 9.36 -6.25
N ALA A 231 -5.64 10.03 -5.25
CA ALA A 231 -5.36 9.37 -3.98
C ALA A 231 -5.39 10.34 -2.79
N THR A 232 -5.64 9.79 -1.61
CA THR A 232 -5.62 10.54 -0.37
C THR A 232 -4.87 9.77 0.70
N ALA A 233 -4.00 10.46 1.42
CA ALA A 233 -3.32 9.87 2.57
C ALA A 233 -4.10 10.18 3.84
N ILE A 234 -4.28 9.17 4.69
CA ILE A 234 -4.78 9.40 6.03
C ILE A 234 -3.78 8.92 7.08
N PHE A 235 -3.36 9.84 7.94
CA PHE A 235 -2.38 9.55 8.99
C PHE A 235 -3.05 9.52 10.35
N PHE A 236 -2.70 8.53 11.16
CA PHE A 236 -3.20 8.45 12.53
C PHE A 236 -2.05 8.56 13.54
N LEU A 237 -2.12 9.60 14.37
CA LEU A 237 -1.12 9.80 15.42
C LEU A 237 -1.71 9.46 16.79
N PRO A 238 -1.37 8.28 17.32
CA PRO A 238 -1.97 7.85 18.59
C PRO A 238 -1.56 8.72 19.75
N ASP A 239 -2.48 8.95 20.68
CA ASP A 239 -2.16 9.57 21.97
C ASP A 239 -1.12 8.73 22.69
N GLU A 240 -0.51 9.31 23.72
CA GLU A 240 0.55 8.63 24.46
C GLU A 240 0.10 7.24 24.88
N GLY A 241 0.83 6.22 24.44
CA GLY A 241 0.59 4.85 24.86
C GLY A 241 -0.62 4.20 24.22
N LYS A 242 -1.08 4.72 23.09
CA LYS A 242 -2.35 4.28 22.52
C LYS A 242 -2.21 3.68 21.12
N LEU A 243 -0.99 3.39 20.70
CA LEU A 243 -0.77 2.83 19.37
C LEU A 243 -1.55 1.53 19.21
N GLN A 244 -1.42 0.64 20.18
CA GLN A 244 -2.10 -0.65 20.12
C GLN A 244 -3.61 -0.45 20.08
N HIS A 245 -4.11 0.48 20.87
CA HIS A 245 -5.53 0.80 20.90
C HIS A 245 -5.99 1.27 19.54
N LEU A 246 -5.24 2.19 18.96
CA LEU A 246 -5.55 2.69 17.62
C LEU A 246 -5.64 1.54 16.63
N GLU A 247 -4.65 0.65 16.66
CA GLU A 247 -4.59 -0.46 15.71
C GLU A 247 -5.79 -1.39 15.90
N ASN A 248 -6.22 -1.56 17.14
CA ASN A 248 -7.33 -2.47 17.45
C ASN A 248 -8.66 -1.89 16.99
N GLU A 249 -8.76 -0.57 16.97
CA GLU A 249 -10.06 0.09 16.90
C GLU A 249 -10.40 0.54 15.47
N LEU A 250 -9.42 0.53 14.58
CA LEU A 250 -9.67 0.92 13.20
C LEU A 250 -10.73 0.02 12.58
N THR A 251 -11.65 0.63 11.85
CA THR A 251 -12.64 -0.10 11.06
C THR A 251 -12.89 0.63 9.75
N HIS A 252 -13.47 -0.08 8.80
CA HIS A 252 -13.80 0.49 7.51
C HIS A 252 -14.78 1.65 7.66
N ASP A 253 -15.79 1.46 8.50
N ASP A 253 -15.80 1.46 8.49
CA ASP A 253 -16.83 2.47 8.69
CA ASP A 253 -16.83 2.48 8.68
C ASP A 253 -16.23 3.75 9.27
C ASP A 253 -16.22 3.76 9.26
N ILE A 254 -15.35 3.59 10.26
CA ILE A 254 -14.69 4.74 10.88
C ILE A 254 -13.85 5.50 9.86
N ILE A 255 -13.11 4.78 9.02
CA ILE A 255 -12.22 5.43 8.06
C ILE A 255 -13.04 6.12 6.98
N THR A 256 -14.11 5.47 6.55
CA THR A 256 -15.03 6.06 5.59
C THR A 256 -15.57 7.41 6.08
N LYS A 257 -15.94 7.48 7.35
CA LYS A 257 -16.46 8.71 7.92
C LYS A 257 -15.42 9.84 7.88
N PHE A 258 -14.16 9.52 8.19
CA PHE A 258 -13.08 10.50 8.07
C PHE A 258 -12.96 11.00 6.63
N LEU A 259 -13.07 10.08 5.68
CA LEU A 259 -12.92 10.41 4.27
C LEU A 259 -14.04 11.31 3.77
N GLU A 260 -15.17 11.28 4.47
CA GLU A 260 -16.34 12.06 4.04
C GLU A 260 -16.32 13.47 4.63
N ASN A 261 -15.50 13.68 5.65
CA ASN A 261 -15.39 14.99 6.29
C ASN A 261 -14.47 15.90 5.49
N GLU A 262 -14.92 17.13 5.25
CA GLU A 262 -14.14 18.11 4.50
C GLU A 262 -13.77 19.32 5.35
N ASP A 263 -14.24 19.34 6.59
CA ASP A 263 -13.96 20.47 7.49
C ASP A 263 -12.46 20.64 7.69
N ARG A 264 -12.00 21.88 7.58
CA ARG A 264 -10.60 22.21 7.83
C ARG A 264 -10.46 23.13 9.02
N ARG A 265 -9.33 23.03 9.71
CA ARG A 265 -8.99 23.96 10.76
C ARG A 265 -7.51 24.28 10.69
N SER A 266 -7.12 25.40 11.29
CA SER A 266 -5.71 25.78 11.34
C SER A 266 -4.95 24.84 12.27
N ALA A 267 -3.80 24.39 11.80
CA ALA A 267 -2.87 23.67 12.65
C ALA A 267 -1.45 23.92 12.14
N SER A 268 -0.49 23.82 13.05
N SER A 268 -0.48 23.83 13.04
CA SER A 268 0.91 23.73 12.68
CA SER A 268 0.90 23.75 12.62
C SER A 268 1.32 22.26 12.62
C SER A 268 1.36 22.29 12.61
N LEU A 269 1.64 21.79 11.42
CA LEU A 269 1.81 20.37 11.20
C LEU A 269 3.29 20.07 10.96
N HIS A 270 3.81 19.08 11.67
CA HIS A 270 5.14 18.54 11.40
C HIS A 270 5.05 17.11 10.89
N LEU A 271 5.60 16.87 9.72
CA LEU A 271 5.49 15.57 9.05
C LEU A 271 6.85 15.18 8.51
N PRO A 272 7.33 13.99 8.88
CA PRO A 272 8.67 13.60 8.44
C PRO A 272 8.72 13.35 6.95
N LYS A 273 9.78 13.82 6.30
CA LYS A 273 10.13 13.38 4.96
C LYS A 273 10.93 12.10 5.06
N LEU A 274 10.42 11.03 4.46
CA LEU A 274 11.15 9.77 4.45
C LEU A 274 10.73 8.83 3.34
N SER A 275 11.55 7.81 3.12
CA SER A 275 11.20 6.69 2.26
C SER A 275 11.08 5.44 3.12
N ILE A 276 10.01 4.68 2.90
CA ILE A 276 9.75 3.50 3.71
C ILE A 276 9.48 2.34 2.77
N THR A 277 9.98 1.15 3.13
CA THR A 277 9.77 -0.03 2.31
C THR A 277 9.23 -1.16 3.16
N GLY A 278 8.53 -2.08 2.52
CA GLY A 278 8.19 -3.35 3.13
C GLY A 278 8.46 -4.49 2.17
N THR A 279 9.04 -5.57 2.68
CA THR A 279 9.31 -6.76 1.88
C THR A 279 8.76 -7.98 2.61
N TYR A 280 7.94 -8.76 1.92
CA TYR A 280 7.24 -9.87 2.57
C TYR A 280 7.24 -11.14 1.73
N ASP A 281 7.51 -12.26 2.40
CA ASP A 281 7.26 -13.58 1.85
C ASP A 281 5.77 -13.91 1.97
N LEU A 282 5.06 -13.84 0.85
CA LEU A 282 3.62 -13.97 0.86
C LEU A 282 3.20 -15.40 1.17
N LYS A 283 4.08 -16.36 0.90
CA LYS A 283 3.80 -17.74 1.26
C LYS A 283 3.63 -17.85 2.77
N SER A 284 4.50 -17.18 3.51
CA SER A 284 4.45 -17.19 4.96
C SER A 284 3.27 -16.36 5.46
N VAL A 285 3.18 -15.13 4.99
CA VAL A 285 2.22 -14.17 5.53
C VAL A 285 0.79 -14.57 5.16
N LEU A 286 0.58 -14.93 3.91
CA LEU A 286 -0.75 -15.34 3.45
C LEU A 286 -1.09 -16.74 3.95
N GLY A 287 -0.07 -17.56 4.18
CA GLY A 287 -0.26 -18.84 4.83
C GLY A 287 -1.02 -18.69 6.14
N GLN A 288 -0.57 -17.73 6.95
CA GLN A 288 -1.14 -17.50 8.26
C GLN A 288 -2.58 -16.97 8.16
N LEU A 289 -2.94 -16.42 7.00
CA LEU A 289 -4.31 -15.98 6.76
C LEU A 289 -5.13 -17.09 6.10
N GLY A 290 -4.52 -18.26 5.92
CA GLY A 290 -5.27 -19.46 5.56
C GLY A 290 -5.11 -19.83 4.10
N ILE A 291 -4.24 -19.13 3.38
CA ILE A 291 -3.97 -19.47 1.99
C ILE A 291 -2.76 -20.40 1.90
N THR A 292 -3.01 -21.71 1.82
N THR A 292 -3.03 -21.70 1.77
CA THR A 292 -1.96 -22.69 2.04
CA THR A 292 -2.07 -22.74 2.12
C THR A 292 -1.87 -23.71 0.90
C THR A 292 -1.90 -23.72 0.95
N LYS A 293 -3.01 -24.17 0.40
CA LYS A 293 -3.01 -25.28 -0.55
C LYS A 293 -2.30 -24.92 -1.85
N VAL A 294 -2.47 -23.68 -2.30
CA VAL A 294 -1.86 -23.23 -3.55
C VAL A 294 -0.33 -23.28 -3.47
N PHE A 295 0.20 -23.28 -2.25
CA PHE A 295 1.65 -23.39 -2.05
C PHE A 295 2.08 -24.83 -1.78
N SER A 296 1.13 -25.76 -1.76
CA SER A 296 1.39 -27.13 -1.31
C SER A 296 1.43 -28.08 -2.50
N ASN A 297 1.92 -29.30 -2.28
CA ASN A 297 1.96 -30.31 -3.32
C ASN A 297 0.56 -30.63 -3.82
N GLY A 298 -0.45 -30.37 -2.99
CA GLY A 298 -1.82 -30.73 -3.32
C GLY A 298 -2.56 -29.63 -4.06
N ALA A 299 -1.82 -28.62 -4.52
CA ALA A 299 -2.43 -27.48 -5.19
C ALA A 299 -3.13 -27.93 -6.48
N ASP A 300 -4.34 -27.45 -6.69
CA ASP A 300 -5.00 -27.62 -7.96
C ASP A 300 -4.88 -26.35 -8.80
N LEU A 301 -3.83 -26.29 -9.61
CA LEU A 301 -3.63 -25.21 -10.56
C LEU A 301 -3.82 -25.73 -11.99
N SER A 302 -4.84 -26.55 -12.19
CA SER A 302 -5.09 -27.18 -13.48
C SER A 302 -5.62 -26.18 -14.50
N GLY A 303 -6.00 -25.00 -14.03
CA GLY A 303 -6.35 -23.90 -14.93
C GLY A 303 -5.11 -23.24 -15.52
N VAL A 304 -3.96 -23.52 -14.93
CA VAL A 304 -2.69 -23.00 -15.42
C VAL A 304 -2.01 -24.02 -16.33
N THR A 305 -2.02 -25.29 -15.89
CA THR A 305 -1.45 -26.38 -16.67
C THR A 305 -2.16 -27.68 -16.30
N GLU A 306 -2.61 -28.42 -17.29
CA GLU A 306 -3.65 -29.42 -17.06
C GLU A 306 -3.08 -30.75 -16.56
N GLU A 307 -2.04 -31.24 -17.24
CA GLU A 307 -1.59 -32.60 -17.01
C GLU A 307 -0.52 -32.71 -15.92
N ALA A 308 0.41 -31.75 -15.88
CA ALA A 308 1.50 -31.80 -14.91
C ALA A 308 1.09 -31.18 -13.58
N PRO A 309 1.55 -31.78 -12.47
CA PRO A 309 1.40 -31.14 -11.15
C PRO A 309 2.03 -29.75 -11.14
N LEU A 310 1.41 -28.83 -10.42
CA LEU A 310 1.95 -27.48 -10.28
C LEU A 310 1.57 -26.90 -8.93
N LYS A 311 2.54 -26.24 -8.29
CA LYS A 311 2.27 -25.40 -7.14
C LYS A 311 3.06 -24.10 -7.23
N LEU A 312 2.63 -23.09 -6.49
CA LEU A 312 3.38 -21.84 -6.38
C LEU A 312 4.49 -21.99 -5.36
N SER A 313 5.74 -21.97 -5.82
N SER A 313 5.74 -21.97 -5.82
CA SER A 313 6.89 -22.24 -4.98
CA SER A 313 6.89 -22.23 -4.97
C SER A 313 7.37 -20.96 -4.27
C SER A 313 7.39 -20.97 -4.28
N LYS A 314 7.09 -19.82 -4.88
CA LYS A 314 7.66 -18.56 -4.43
C LYS A 314 6.67 -17.42 -4.63
N ALA A 315 6.51 -16.58 -3.62
CA ALA A 315 5.64 -15.42 -3.72
C ALA A 315 6.15 -14.30 -2.83
N VAL A 316 6.49 -13.17 -3.44
CA VAL A 316 7.13 -12.08 -2.74
C VAL A 316 6.42 -10.77 -3.05
N HIS A 317 6.28 -9.93 -2.02
CA HIS A 317 5.76 -8.58 -2.20
C HIS A 317 6.80 -7.56 -1.73
N LYS A 318 6.99 -6.52 -2.50
CA LYS A 318 7.71 -5.35 -2.01
C LYS A 318 6.95 -4.07 -2.30
N ALA A 319 6.86 -3.23 -1.28
CA ALA A 319 6.20 -1.94 -1.39
C ALA A 319 7.20 -0.84 -1.03
N VAL A 320 7.19 0.22 -1.82
CA VAL A 320 8.01 1.38 -1.52
C VAL A 320 7.17 2.64 -1.60
N LEU A 321 7.28 3.46 -0.56
CA LEU A 321 6.53 4.70 -0.50
C LEU A 321 7.44 5.83 -0.05
N THR A 322 7.37 6.95 -0.77
CA THR A 322 8.13 8.12 -0.40
C THR A 322 7.19 9.26 0.01
N ILE A 323 7.41 9.78 1.21
CA ILE A 323 6.76 11.00 1.66
C ILE A 323 7.72 12.18 1.50
N ASP A 324 7.30 13.21 0.78
CA ASP A 324 8.14 14.37 0.59
C ASP A 324 7.34 15.67 0.51
N LYS A 325 8.03 16.76 0.16
CA LYS A 325 7.54 18.11 0.45
C LYS A 325 6.75 18.69 -0.73
N LYS A 326 6.85 18.04 -1.89
CA LYS A 326 6.51 18.69 -3.14
C LYS A 326 4.99 18.72 -3.35
N GLY A 327 4.51 19.80 -3.95
N GLY A 327 4.48 19.75 -3.84
CA GLY A 327 3.10 19.92 -4.32
CA GLY A 327 3.11 19.96 -4.21
C GLY A 327 2.90 20.01 -5.82
C GLY A 327 3.01 20.59 -5.60
N THR A 328 1.74 20.55 -6.26
N THR A 328 2.40 21.78 -5.64
CA THR A 328 1.32 20.65 -7.66
CA THR A 328 2.17 22.54 -6.89
C THR A 328 2.07 21.65 -8.56
C THR A 328 2.74 23.97 -6.91
N GLU A 329 2.44 21.20 -9.76
N GLU A 329 3.47 24.38 -7.96
CA GLU A 329 3.21 22.08 -10.63
CA GLU A 329 3.95 25.75 -7.90
C GLU A 329 2.88 22.17 -12.13
C GLU A 329 2.74 26.64 -7.68
N ALA A 330 1.65 21.85 -12.55
N ALA A 330 2.36 26.80 -6.40
CA ALA A 330 1.33 21.89 -13.99
CA ALA A 330 1.20 27.60 -5.95
C ALA A 330 0.08 22.72 -14.30
C ALA A 330 1.48 28.49 -4.73
N ALA A 331 0.19 24.02 -14.04
N ALA A 331 0.58 29.46 -4.47
CA ALA A 331 -0.86 24.99 -14.34
CA ALA A 331 0.75 30.42 -3.36
C ALA A 331 -0.31 26.41 -14.16
C ALA A 331 -0.29 30.39 -2.20
N GLY A 332 0.62 26.57 -13.23
N GLY A 332 0.20 30.62 -0.98
CA GLY A 332 1.17 27.88 -12.95
CA GLY A 332 -0.56 30.62 0.26
C GLY A 332 0.56 28.45 -11.69
C GLY A 332 -1.45 31.77 0.74
N ALA A 333 1.17 29.52 -11.20
N ALA A 333 -2.24 31.55 1.84
CA ALA A 333 0.66 30.24 -10.05
CA ALA A 333 -3.26 32.45 2.36
C ALA A 333 0.56 29.34 -8.82
C ALA A 333 -2.72 33.23 3.56
N MET A 334 -0.67 29.60 -7.97
N MET A 334 -3.67 33.77 4.39
CA MET A 334 -0.70 28.88 -6.70
CA MET A 334 -3.75 34.74 5.48
C MET A 334 -2.05 29.06 -6.01
C MET A 334 -4.92 34.40 6.39
N PHE A 335 -2.16 28.52 -4.80
N PHE A 335 -4.69 34.48 7.70
CA PHE A 335 -3.34 28.73 -3.98
CA PHE A 335 -5.76 34.30 8.64
C PHE A 335 -3.03 29.71 -2.86
C PHE A 335 -6.47 35.59 8.99
N LEU A 336 -4.04 30.47 -2.45
N LEU A 336 -7.78 35.50 9.11
CA LEU A 336 -3.95 31.31 -1.27
CA LEU A 336 -8.63 36.61 9.47
C LEU A 336 -4.91 30.79 -0.19
C LEU A 336 -8.38 37.00 10.92
N GLU A 337 -4.43 30.72 1.04
N GLU A 337 -9.25 36.55 11.82
CA GLU A 337 -5.23 30.19 2.14
CA GLU A 337 -8.92 36.40 13.23
C GLU A 337 -5.51 31.28 3.17
C GLU A 337 -9.10 37.73 13.95
N ALA A 338 -6.74 31.31 3.67
N ALA A 338 -10.14 37.80 14.79
CA ALA A 338 -7.09 32.18 4.78
CA ALA A 338 -10.24 38.85 15.79
C ALA A 338 -6.96 31.43 6.09
C ALA A 338 -9.14 38.69 16.83
N ILE A 339 -6.05 31.90 6.95
N ILE A 339 -8.54 39.81 17.22
CA ILE A 339 -5.72 31.18 8.17
CA ILE A 339 -7.52 39.80 18.25
C ILE A 339 -5.84 32.09 9.39
C ILE A 339 -8.14 39.45 19.59
N PRO A 340 -6.79 31.77 10.28
N PRO A 340 -7.39 38.72 20.43
CA PRO A 340 -7.05 32.60 11.46
CA PRO A 340 -6.19 38.00 20.04
C PRO A 340 -5.80 32.83 12.31
C PRO A 340 -6.47 36.62 19.46
N MET A 341 -5.74 33.97 12.97
N MET A 341 -5.57 36.14 18.62
CA MET A 341 -4.59 34.33 13.79
CA MET A 341 -5.67 34.79 18.06
C MET A 341 -4.43 33.35 14.96
C MET A 341 -4.81 33.80 18.86
N SER A 342 -5.56 32.91 15.50
N SER A 342 -5.47 32.79 19.45
CA SER A 342 -5.57 32.27 16.82
CA SER A 342 -4.76 31.74 20.14
C SER A 342 -4.56 31.13 16.89
C SER A 342 -3.86 30.96 19.17
N ILE A 343 -3.97 30.94 18.07
N ILE A 343 -2.63 30.68 19.60
CA ILE A 343 -3.01 29.87 18.26
CA ILE A 343 -1.71 29.87 18.80
C ILE A 343 -3.56 28.54 17.77
C ILE A 343 -2.29 28.48 18.57
N PRO A 344 -2.92 27.99 16.73
N PRO A 344 -2.35 28.05 17.29
CA PRO A 344 -3.24 26.67 16.24
CA PRO A 344 -3.11 26.89 16.85
C PRO A 344 -2.54 25.59 17.05
C PRO A 344 -2.48 25.58 17.33
N PRO A 345 -3.22 24.46 17.26
CA PRO A 345 -2.67 23.21 17.72
C PRO A 345 -1.42 22.81 16.94
N GLU A 346 -0.41 22.38 17.67
CA GLU A 346 0.80 21.82 17.08
C GLU A 346 0.63 20.30 17.03
N VAL A 347 0.64 19.74 15.83
CA VAL A 347 0.54 18.29 15.66
C VAL A 347 1.80 17.77 14.98
N LYS A 348 2.62 17.04 15.73
CA LYS A 348 3.91 16.59 15.24
C LYS A 348 3.92 15.08 15.07
N PHE A 349 4.16 14.62 13.86
CA PHE A 349 4.34 13.20 13.62
C PHE A 349 5.78 12.80 13.90
N ASN A 350 6.15 12.89 15.18
CA ASN A 350 7.52 12.69 15.62
C ASN A 350 7.59 11.48 16.55
N LYS A 351 6.60 10.61 16.45
CA LYS A 351 6.62 9.32 17.12
C LYS A 351 5.84 8.32 16.26
N PRO A 352 5.82 7.04 16.66
CA PRO A 352 5.22 6.04 15.78
C PRO A 352 3.79 6.40 15.39
N PHE A 353 3.49 6.26 14.10
CA PHE A 353 2.15 6.51 13.59
C PHE A 353 1.73 5.49 12.54
N VAL A 354 0.43 5.45 12.28
CA VAL A 354 -0.15 4.52 11.32
C VAL A 354 -0.72 5.34 10.17
N PHE A 355 -0.78 4.75 8.98
CA PHE A 355 -1.36 5.45 7.85
C PHE A 355 -1.98 4.52 6.81
N LEU A 356 -2.89 5.07 6.02
CA LEU A 356 -3.37 4.40 4.84
C LEU A 356 -3.31 5.36 3.66
N ILE A 357 -3.17 4.82 2.47
CA ILE A 357 -3.36 5.59 1.25
C ILE A 357 -4.51 5.03 0.44
N ILE A 358 -5.46 5.91 0.11
CA ILE A 358 -6.73 5.51 -0.44
C ILE A 358 -6.81 6.01 -1.87
N GLU A 359 -7.22 5.14 -2.79
CA GLU A 359 -7.50 5.54 -4.16
C GLU A 359 -8.88 6.21 -4.20
N GLN A 360 -8.97 7.37 -4.85
CA GLN A 360 -10.11 8.25 -4.64
C GLN A 360 -11.39 7.75 -5.32
N ASN A 361 -11.27 7.16 -6.51
CA ASN A 361 -12.45 6.70 -7.24
C ASN A 361 -13.12 5.53 -6.54
N THR A 362 -12.33 4.53 -6.18
CA THR A 362 -12.85 3.27 -5.64
C THR A 362 -12.88 3.30 -4.11
N LYS A 363 -12.07 4.18 -3.53
CA LYS A 363 -11.87 4.23 -2.08
C LYS A 363 -11.05 3.05 -1.55
N ALA A 364 -10.40 2.33 -2.45
CA ALA A 364 -9.65 1.13 -2.07
C ALA A 364 -8.35 1.50 -1.39
N PRO A 365 -7.90 0.68 -0.42
CA PRO A 365 -6.65 0.92 0.28
C PRO A 365 -5.43 0.51 -0.54
N LEU A 366 -4.76 1.52 -1.10
CA LEU A 366 -3.57 1.28 -1.92
C LEU A 366 -2.36 0.90 -1.08
N PHE A 367 -2.23 1.52 0.08
CA PHE A 367 -1.19 1.19 1.04
C PHE A 367 -1.82 1.16 2.42
N MET A 368 -1.32 0.29 3.28
CA MET A 368 -1.41 0.51 4.70
C MET A 368 -0.03 0.33 5.33
N GLY A 369 0.24 1.10 6.37
CA GLY A 369 1.60 1.19 6.89
C GLY A 369 1.68 1.68 8.32
N ARG A 370 2.85 1.46 8.92
CA ARG A 370 3.19 2.01 10.20
C ARG A 370 4.63 2.46 10.16
N VAL A 371 4.90 3.65 10.68
CA VAL A 371 6.27 4.12 10.82
C VAL A 371 6.66 4.10 12.29
N VAL A 372 7.60 3.25 12.63
CA VAL A 372 8.11 3.18 13.99
C VAL A 372 9.51 3.78 14.04
N ASN A 373 10.35 3.39 13.08
CA ASN A 373 11.66 4.01 12.91
C ASN A 373 11.87 4.45 11.47
N PRO A 374 11.95 5.77 11.25
CA PRO A 374 12.17 6.33 9.92
C PRO A 374 13.40 5.78 9.22
N THR A 375 14.39 5.33 9.98
CA THR A 375 15.70 5.01 9.42
C THR A 375 15.77 3.59 8.84
N GLN A 376 15.07 2.64 9.46
CA GLN A 376 14.74 1.38 8.80
C GLN A 376 13.97 0.42 9.70
N LYS A 377 13.08 -0.36 9.09
CA LYS A 377 12.48 -1.52 9.75
C LYS A 377 11.66 -2.31 8.75
C1 GOL B . -11.43 3.27 2.92
O1 GOL B . -12.27 3.41 1.77
C2 GOL B . -10.81 1.87 2.93
O2 GOL B . -9.77 1.79 1.94
C3 GOL B . -10.23 1.59 4.32
O3 GOL B . -11.29 1.35 5.24
C1 GOL C . -5.02 18.08 3.57
O1 GOL C . -5.32 18.53 4.89
C2 GOL C . -4.64 19.23 2.64
O2 GOL C . -3.41 19.84 3.08
C3 GOL C . -4.46 18.70 1.23
O3 GOL C . -5.60 17.92 0.85
C1 GOL D . 26.69 -21.89 -10.72
O1 GOL D . 26.09 -22.93 -9.93
C2 GOL D . 25.82 -20.64 -10.65
O2 GOL D . 24.89 -20.63 -11.74
C3 GOL D . 26.70 -19.39 -10.72
O3 GOL D . 25.94 -18.30 -11.22
#